data_4FOR
#
_entry.id   4FOR
#
_cell.length_a   62.455
_cell.length_b   50.010
_cell.length_c   65.469
_cell.angle_alpha   90.00
_cell.angle_beta   107.14
_cell.angle_gamma   90.00
#
_symmetry.space_group_name_H-M   'P 1 21 1'
#
loop_
_entity.id
_entity.type
_entity.pdbx_description
1 polymer Lactotransferrin
2 polymer 'C-terminal peptide from Lactotransferrin'
3 branched 2-acetamido-2-deoxy-beta-D-glucopyranose-(1-4)-2-acetamido-2-deoxy-beta-D-glucopyranose
4 non-polymer 'FE (III) ION'
5 non-polymer 'CARBONATE ION'
6 non-polymer 'SULFATE ION'
7 non-polymer 'ZINC ION'
8 non-polymer 2-acetamido-2-deoxy-beta-D-glucopyranose
9 non-polymer FLURBIPROFEN
10 non-polymer GLYCEROL
11 water water
#
loop_
_entity_poly.entity_id
_entity_poly.type
_entity_poly.pdbx_seq_one_letter_code
_entity_poly.pdbx_strand_id
1 'polypeptide(L)'
;YTRVVWCAVGPEEQKKCQQWSQQSGQNVTCATASTTDDCIVLVLKGEADALNLDGGYIYTAGKCGLVPVLAENRKSSKHS
SLDCVLRPTEGYLAVAVVKKANEGLTWNSLKDKKSCHTAVDRTAGWNIPMGLIVNQTGSCAFDEFFSQSCAPGADPKSRL
CALCAGDDQGLDKCVPNSKEKYYGYTGAFRCLAEDVGDVAFVKNDTVWENTNGESTADWAKNLKREDFRLLCLDGTRKPV
TEAQSCHLAVAPNHAVVSRSDRAAHVEQVLLHQQALFGKNGKNCPDKFCLFKSETKNLLFNDNTECLAKLGGRPTYEEYL
GTEYVTAIANLKKCS
;
A
2 'polypeptide(L)' LEACAF B
#
# COMPACT_ATOMS: atom_id res chain seq x y z
N TYR A 1 3.81 8.41 -30.93
CA TYR A 1 3.51 8.05 -29.51
C TYR A 1 2.91 9.26 -28.76
N THR A 2 2.40 8.94 -27.59
CA THR A 2 1.75 9.93 -26.80
C THR A 2 2.55 9.98 -25.45
N ARG A 3 2.40 11.10 -24.79
CA ARG A 3 2.85 11.23 -23.44
C ARG A 3 1.91 10.34 -22.59
N VAL A 4 2.49 9.88 -21.44
CA VAL A 4 1.63 9.21 -20.44
C VAL A 4 1.39 10.14 -19.26
N VAL A 5 0.13 10.28 -18.87
CA VAL A 5 -0.27 11.18 -17.83
C VAL A 5 -0.43 10.29 -16.56
N TRP A 6 0.50 10.49 -15.60
CA TRP A 6 0.45 9.71 -14.30
C TRP A 6 -0.47 10.40 -13.34
N CYS A 7 -1.13 9.67 -12.44
CA CYS A 7 -1.89 10.37 -11.41
C CYS A 7 -1.21 10.27 -10.04
N ALA A 8 -0.96 11.43 -9.46
CA ALA A 8 -0.29 11.49 -8.13
C ALA A 8 -1.32 11.77 -7.10
N VAL A 9 -1.13 11.08 -5.99
CA VAL A 9 -2.15 11.22 -4.89
C VAL A 9 -1.52 12.14 -3.82
N GLY A 10 -2.03 13.36 -3.77
CA GLY A 10 -1.57 14.31 -2.71
C GLY A 10 -0.35 15.02 -3.20
N PRO A 11 0.05 16.11 -2.48
CA PRO A 11 1.11 17.04 -2.97
C PRO A 11 2.52 16.55 -2.91
N GLU A 12 2.80 15.52 -2.07
CA GLU A 12 4.17 14.98 -2.03
C GLU A 12 4.41 14.12 -3.31
N GLU A 13 3.39 13.29 -3.57
CA GLU A 13 3.49 12.54 -4.79
C GLU A 13 3.53 13.47 -6.01
N GLN A 14 2.73 14.54 -5.94
CA GLN A 14 2.78 15.48 -7.10
C GLN A 14 4.22 16.04 -7.30
N LYS A 15 4.88 16.39 -6.21
CA LYS A 15 6.23 16.93 -6.27
C LYS A 15 7.18 15.95 -6.95
N LYS A 16 7.06 14.68 -6.58
CA LYS A 16 7.90 13.64 -7.18
C LYS A 16 7.55 13.43 -8.62
N CYS A 17 6.26 13.43 -8.94
CA CYS A 17 5.87 13.24 -10.30
C CYS A 17 6.40 14.39 -11.14
N GLN A 18 6.34 15.62 -10.64
CA GLN A 18 6.83 16.74 -11.45
C GLN A 18 8.34 16.58 -11.72
N GLN A 19 9.09 16.06 -10.76
CA GLN A 19 10.49 15.80 -11.02
C GLN A 19 10.66 14.71 -12.08
N TRP A 20 9.87 13.64 -11.97
CA TRP A 20 9.94 12.62 -13.00
C TRP A 20 9.62 13.22 -14.37
N SER A 21 8.59 14.02 -14.45
CA SER A 21 8.10 14.60 -15.70
C SER A 21 9.24 15.50 -16.33
N GLN A 22 9.89 16.31 -15.52
CA GLN A 22 11.04 17.15 -15.95
C GLN A 22 12.12 16.25 -16.48
N GLN A 23 12.50 15.23 -15.73
CA GLN A 23 13.58 14.34 -16.14
C GLN A 23 13.32 13.52 -17.40
N SER A 24 12.05 13.16 -17.64
CA SER A 24 11.63 12.29 -18.76
C SER A 24 11.38 13.10 -20.05
N GLY A 25 11.62 14.42 -19.96
CA GLY A 25 11.44 15.37 -21.10
C GLY A 25 9.99 15.43 -21.48
N GLN A 26 9.14 15.38 -20.43
CA GLN A 26 7.64 15.31 -20.59
C GLN A 26 7.15 14.09 -21.34
N ASN A 27 7.91 13.00 -21.39
CA ASN A 27 7.32 11.75 -21.87
C ASN A 27 6.27 11.28 -20.86
N VAL A 28 6.52 11.69 -19.61
CA VAL A 28 5.48 11.47 -18.57
C VAL A 28 5.11 12.85 -18.07
N THR A 29 3.82 13.13 -17.89
CA THR A 29 3.32 14.32 -17.22
C THR A 29 2.30 13.93 -16.12
N CYS A 30 1.84 14.90 -15.33
CA CYS A 30 1.28 14.58 -13.96
C CYS A 30 -0.14 15.18 -13.88
N ALA A 31 -1.07 14.41 -13.42
CA ALA A 31 -2.32 14.94 -12.94
C ALA A 31 -2.25 14.70 -11.42
N THR A 32 -3.02 15.41 -10.62
CA THR A 32 -2.93 15.14 -9.18
C THR A 32 -4.34 15.18 -8.64
N ALA A 33 -4.60 14.32 -7.67
CA ALA A 33 -5.90 14.31 -6.94
C ALA A 33 -5.60 14.10 -5.43
N SER A 34 -6.62 14.30 -4.61
CA SER A 34 -6.40 14.24 -3.15
C SER A 34 -6.43 12.84 -2.63
N THR A 35 -7.04 11.91 -3.36
CA THR A 35 -7.15 10.53 -2.86
C THR A 35 -7.00 9.59 -3.99
N THR A 36 -6.70 8.31 -3.64
CA THR A 36 -6.55 7.31 -4.70
C THR A 36 -7.88 7.12 -5.44
N ASP A 37 -9.03 7.04 -4.78
CA ASP A 37 -10.29 6.98 -5.53
C ASP A 37 -10.46 8.11 -6.53
N ASP A 38 -10.13 9.33 -6.10
CA ASP A 38 -10.21 10.42 -7.08
C ASP A 38 -9.27 10.22 -8.27
N CYS A 39 -8.04 9.72 -8.06
CA CYS A 39 -7.17 9.38 -9.22
C CYS A 39 -7.81 8.33 -10.10
N ILE A 40 -8.43 7.31 -9.50
CA ILE A 40 -9.14 6.28 -10.32
C ILE A 40 -10.23 6.92 -11.20
N VAL A 41 -10.91 7.93 -10.67
CA VAL A 41 -11.93 8.67 -11.45
C VAL A 41 -11.27 9.48 -12.51
N LEU A 42 -10.11 10.14 -12.27
CA LEU A 42 -9.49 10.83 -13.39
C LEU A 42 -9.16 9.86 -14.50
N VAL A 43 -8.69 8.68 -14.10
CA VAL A 43 -8.27 7.69 -15.18
C VAL A 43 -9.52 7.23 -15.92
N LEU A 44 -10.59 6.94 -15.21
CA LEU A 44 -11.91 6.59 -15.92
C LEU A 44 -12.39 7.64 -16.84
N LYS A 45 -12.16 8.91 -16.52
CA LYS A 45 -12.62 9.98 -17.43
C LYS A 45 -11.66 10.20 -18.55
N GLY A 46 -10.48 9.60 -18.52
CA GLY A 46 -9.42 9.85 -19.52
C GLY A 46 -8.58 11.05 -19.30
N GLU A 47 -8.67 11.61 -18.07
CA GLU A 47 -7.88 12.77 -17.77
C GLU A 47 -6.54 12.46 -17.09
N ALA A 48 -6.32 11.16 -16.78
CA ALA A 48 -4.99 10.67 -16.49
C ALA A 48 -4.97 9.25 -17.12
N ASP A 49 -3.76 8.76 -17.26
CA ASP A 49 -3.59 7.44 -17.88
C ASP A 49 -3.45 6.28 -16.86
N ALA A 50 -2.69 6.55 -15.77
CA ALA A 50 -2.26 5.40 -14.98
C ALA A 50 -1.81 5.85 -13.59
N LEU A 51 -1.81 4.86 -12.67
CA LEU A 51 -1.12 5.02 -11.35
C LEU A 51 -0.89 3.63 -10.82
N ASN A 52 0.00 3.53 -9.81
CA ASN A 52 0.27 2.27 -9.21
C ASN A 52 -0.57 2.11 -7.94
N LEU A 53 -1.22 0.98 -7.75
CA LEU A 53 -2.24 0.76 -6.74
C LEU A 53 -2.04 -0.45 -5.86
N ASP A 54 -2.35 -0.28 -4.56
CA ASP A 54 -2.52 -1.45 -3.68
C ASP A 54 -3.63 -2.37 -4.24
N GLY A 55 -3.64 -3.62 -3.86
CA GLY A 55 -4.60 -4.56 -4.35
C GLY A 55 -6.03 -4.22 -4.03
N GLY A 56 -6.32 -3.60 -2.87
CA GLY A 56 -7.70 -3.24 -2.51
C GLY A 56 -8.19 -2.17 -3.50
N TYR A 57 -7.27 -1.26 -3.87
CA TYR A 57 -7.68 -0.21 -4.86
C TYR A 57 -7.78 -0.83 -6.22
N ILE A 58 -6.93 -1.86 -6.55
CA ILE A 58 -7.06 -2.56 -7.86
C ILE A 58 -8.48 -3.13 -7.93
N TYR A 59 -9.00 -3.70 -6.83
CA TYR A 59 -10.38 -4.11 -6.86
C TYR A 59 -11.41 -3.02 -7.24
N THR A 60 -11.30 -1.84 -6.61
CA THR A 60 -12.18 -0.71 -6.93
C THR A 60 -11.96 -0.36 -8.43
N ALA A 61 -10.69 -0.30 -8.89
CA ALA A 61 -10.41 0.20 -10.24
C ALA A 61 -10.93 -0.84 -11.22
N GLY A 62 -10.80 -2.10 -10.87
CA GLY A 62 -11.10 -3.20 -11.83
C GLY A 62 -12.62 -3.35 -11.95
N LYS A 63 -13.36 -3.16 -10.87
CA LYS A 63 -14.81 -3.18 -11.07
C LYS A 63 -15.28 -2.08 -12.04
N CYS A 64 -14.48 -1.03 -12.21
CA CYS A 64 -14.80 0.10 -13.09
C CYS A 64 -14.19 -0.02 -14.43
N GLY A 65 -13.59 -1.18 -14.71
CA GLY A 65 -13.00 -1.44 -16.04
C GLY A 65 -11.54 -1.25 -16.26
N LEU A 66 -10.78 -0.78 -15.25
CA LEU A 66 -9.35 -0.56 -15.49
C LEU A 66 -8.66 -1.95 -15.27
N VAL A 67 -7.49 -2.01 -15.91
CA VAL A 67 -6.82 -3.32 -15.98
C VAL A 67 -5.41 -3.22 -15.43
N PRO A 68 -4.90 -4.31 -14.88
CA PRO A 68 -3.45 -4.29 -14.43
C PRO A 68 -2.54 -4.31 -15.64
N VAL A 69 -1.43 -3.59 -15.50
CA VAL A 69 -0.46 -3.38 -16.61
C VAL A 69 0.95 -4.00 -16.31
N LEU A 70 1.57 -3.65 -15.14
CA LEU A 70 2.88 -4.15 -14.70
C LEU A 70 2.75 -4.20 -13.20
N ALA A 71 3.48 -5.10 -12.57
CA ALA A 71 3.41 -5.19 -11.10
C ALA A 71 4.74 -4.80 -10.48
N GLU A 72 4.69 -4.24 -9.24
CA GLU A 72 5.93 -4.14 -8.45
C GLU A 72 6.55 -5.47 -8.18
N ASN A 73 7.87 -5.52 -8.30
CA ASN A 73 8.61 -6.77 -7.94
C ASN A 73 9.70 -6.29 -7.04
N ARG A 74 9.76 -6.81 -5.83
CA ARG A 74 10.83 -6.34 -4.91
C ARG A 74 11.98 -7.37 -4.98
N LYS A 75 13.07 -7.15 -4.26
CA LYS A 75 14.11 -8.21 -4.17
C LYS A 75 13.50 -9.60 -3.78
N SER A 76 13.80 -10.67 -4.53
CA SER A 76 13.06 -11.93 -4.22
C SER A 76 13.81 -12.83 -3.25
N SER A 77 13.11 -13.68 -2.52
CA SER A 77 13.75 -14.41 -1.45
C SER A 77 14.70 -15.48 -1.96
N LYS A 78 14.44 -15.94 -3.18
CA LYS A 78 15.23 -16.95 -3.85
C LYS A 78 15.94 -16.37 -5.05
N HIS A 79 17.20 -16.76 -5.21
CA HIS A 79 18.00 -16.44 -6.35
C HIS A 79 17.28 -16.82 -7.59
N SER A 80 17.54 -16.07 -8.64
CA SER A 80 16.94 -16.32 -9.91
C SER A 80 17.81 -15.67 -10.98
N SER A 81 17.98 -16.42 -12.04
CA SER A 81 18.65 -16.02 -13.26
C SER A 81 17.78 -15.07 -14.07
N LEU A 82 16.49 -15.16 -13.88
CA LEU A 82 15.55 -14.33 -14.58
C LEU A 82 15.80 -12.85 -14.31
N ASP A 83 15.68 -12.07 -15.35
CA ASP A 83 15.67 -10.61 -15.23
C ASP A 83 14.44 -10.22 -14.36
N CYS A 84 14.64 -9.26 -13.47
CA CYS A 84 13.54 -8.70 -12.65
C CYS A 84 12.23 -8.52 -13.47
N VAL A 85 12.34 -7.97 -14.69
CA VAL A 85 11.08 -7.68 -15.41
C VAL A 85 10.36 -8.93 -15.83
N LEU A 86 11.09 -10.06 -15.97
CA LEU A 86 10.42 -11.33 -16.29
C LEU A 86 10.19 -12.29 -15.15
N ARG A 87 10.66 -11.94 -13.96
CA ARG A 87 10.44 -12.76 -12.78
C ARG A 87 8.95 -12.69 -12.32
N PRO A 88 8.37 -13.85 -12.04
CA PRO A 88 7.02 -13.85 -11.42
C PRO A 88 7.07 -13.15 -10.03
N THR A 89 6.03 -12.34 -9.75
CA THR A 89 5.93 -11.62 -8.46
C THR A 89 5.57 -12.63 -7.36
N GLU A 90 6.11 -12.42 -6.14
CA GLU A 90 5.83 -13.21 -4.94
C GLU A 90 5.10 -12.16 -4.11
N GLY A 91 3.84 -12.36 -3.88
CA GLY A 91 3.13 -11.39 -2.97
C GLY A 91 3.92 -10.97 -1.70
N TYR A 92 3.29 -10.12 -0.88
CA TYR A 92 3.91 -9.68 0.36
C TYR A 92 3.11 -10.19 1.48
N LEU A 93 3.70 -10.20 2.71
CA LEU A 93 2.96 -10.80 3.84
C LEU A 93 2.26 -9.71 4.66
N ALA A 94 0.97 -9.79 4.73
CA ALA A 94 0.21 -8.90 5.62
C ALA A 94 0.43 -9.38 7.05
N VAL A 95 0.75 -8.43 7.95
CA VAL A 95 1.00 -8.86 9.36
C VAL A 95 0.30 -7.91 10.31
N ALA A 96 0.14 -8.30 11.54
CA ALA A 96 -0.38 -7.46 12.65
C ALA A 96 0.83 -7.31 13.61
N VAL A 97 1.30 -6.07 13.89
CA VAL A 97 2.46 -5.84 14.69
C VAL A 97 2.05 -5.07 15.92
N VAL A 98 2.67 -5.51 17.02
CA VAL A 98 2.48 -4.83 18.37
C VAL A 98 3.85 -4.61 19.00
N LYS A 99 3.86 -3.82 20.06
CA LYS A 99 5.14 -3.76 20.86
C LYS A 99 5.25 -4.97 21.87
N LYS A 100 6.50 -5.46 21.86
CA LYS A 100 6.86 -6.62 22.77
C LYS A 100 6.48 -6.23 24.23
N ALA A 101 6.69 -4.97 24.54
CA ALA A 101 6.33 -4.51 25.91
C ALA A 101 4.84 -4.53 26.26
N ASN A 102 3.98 -4.65 25.27
CA ASN A 102 2.55 -4.71 25.48
C ASN A 102 2.19 -6.17 25.65
N GLU A 103 2.53 -6.69 26.81
CA GLU A 103 2.50 -8.11 27.03
C GLU A 103 1.12 -8.69 27.11
N GLY A 104 0.94 -9.88 26.61
CA GLY A 104 -0.42 -10.39 26.62
C GLY A 104 -1.44 -9.81 25.65
N LEU A 105 -1.08 -8.83 24.86
CA LEU A 105 -1.90 -8.51 23.66
C LEU A 105 -1.68 -9.64 22.59
N THR A 106 -2.74 -10.33 22.18
CA THR A 106 -2.68 -11.26 21.07
C THR A 106 -3.82 -10.98 20.12
N TRP A 107 -3.89 -11.75 19.05
CA TRP A 107 -5.01 -11.65 18.13
C TRP A 107 -6.36 -11.71 18.80
N ASN A 108 -6.44 -12.55 19.85
CA ASN A 108 -7.66 -12.80 20.54
C ASN A 108 -8.04 -11.82 21.60
N SER A 109 -7.22 -10.82 21.84
CA SER A 109 -7.56 -9.78 22.78
C SER A 109 -7.54 -8.39 22.13
N LEU A 110 -7.77 -8.32 20.84
CA LEU A 110 -7.73 -7.04 20.13
C LEU A 110 -8.92 -6.15 20.37
N LYS A 111 -10.02 -6.73 20.79
CA LYS A 111 -11.21 -5.96 21.04
C LYS A 111 -10.95 -4.83 22.01
N ASP A 112 -11.51 -3.67 21.71
CA ASP A 112 -11.32 -2.45 22.48
C ASP A 112 -9.91 -1.86 22.56
N LYS A 113 -8.99 -2.34 21.76
CA LYS A 113 -7.66 -1.74 21.69
C LYS A 113 -7.60 -0.66 20.58
N LYS A 114 -6.45 -0.04 20.49
CA LYS A 114 -6.29 1.14 19.54
C LYS A 114 -5.52 0.54 18.37
N SER A 115 -6.03 0.88 17.17
CA SER A 115 -5.42 0.28 15.96
C SER A 115 -4.88 1.34 14.97
N CYS A 116 -3.92 0.93 14.18
CA CYS A 116 -3.25 1.82 13.13
C CYS A 116 -3.41 1.06 11.81
N HIS A 117 -4.00 1.68 10.84
CA HIS A 117 -4.27 1.03 9.51
C HIS A 117 -3.62 1.86 8.45
N THR A 118 -3.16 1.25 7.34
CA THR A 118 -2.58 2.06 6.25
C THR A 118 -3.64 3.02 5.67
N ALA A 119 -4.80 2.53 5.29
CA ALA A 119 -5.98 3.35 4.92
C ALA A 119 -7.13 2.37 4.76
N VAL A 120 -8.36 2.87 4.85
CA VAL A 120 -9.55 2.04 4.45
C VAL A 120 -9.28 1.60 3.01
N ASP A 121 -9.79 0.40 2.74
CA ASP A 121 -9.83 -0.23 1.48
C ASP A 121 -8.47 -0.75 1.00
N ARG A 122 -7.38 -0.65 1.75
CA ARG A 122 -6.08 -1.25 1.34
C ARG A 122 -5.94 -2.69 1.87
N THR A 123 -5.10 -3.45 1.17
CA THR A 123 -4.96 -4.91 1.53
C THR A 123 -4.55 -5.28 2.94
N ALA A 124 -3.34 -4.99 3.31
CA ALA A 124 -2.87 -5.36 4.63
C ALA A 124 -3.42 -4.44 5.69
N GLY A 125 -3.71 -3.21 5.34
CA GLY A 125 -4.13 -2.26 6.45
C GLY A 125 -5.58 -2.45 6.74
N TRP A 126 -6.40 -3.04 5.84
CA TRP A 126 -7.82 -2.97 6.10
C TRP A 126 -8.55 -4.23 5.63
N ASN A 127 -8.45 -4.58 4.35
CA ASN A 127 -9.32 -5.66 3.84
C ASN A 127 -9.05 -6.99 4.53
N ILE A 128 -7.80 -7.34 4.70
CA ILE A 128 -7.43 -8.64 5.33
C ILE A 128 -7.79 -8.56 6.84
N PRO A 129 -7.29 -7.56 7.63
CA PRO A 129 -7.64 -7.67 9.08
C PRO A 129 -9.09 -7.44 9.35
N MET A 130 -9.74 -6.49 8.64
CA MET A 130 -11.13 -6.22 9.02
C MET A 130 -11.98 -7.41 8.50
N GLY A 131 -11.57 -7.98 7.38
CA GLY A 131 -12.33 -9.15 6.82
C GLY A 131 -12.29 -10.30 7.83
N LEU A 132 -11.13 -10.58 8.38
CA LEU A 132 -10.94 -11.63 9.42
C LEU A 132 -11.74 -11.26 10.64
N ILE A 133 -11.65 -10.03 11.10
CA ILE A 133 -12.44 -9.64 12.30
C ILE A 133 -13.96 -9.73 12.16
N VAL A 134 -14.53 -9.26 11.04
CA VAL A 134 -15.99 -9.41 10.75
C VAL A 134 -16.33 -10.87 10.80
N ASN A 135 -15.52 -11.72 10.16
CA ASN A 135 -15.77 -13.14 10.11
C ASN A 135 -15.73 -13.74 11.48
N GLN A 136 -14.63 -13.48 12.21
CA GLN A 136 -14.52 -14.09 13.57
C GLN A 136 -15.52 -13.58 14.58
N THR A 137 -15.92 -12.31 14.50
CA THR A 137 -16.94 -11.78 15.47
C THR A 137 -18.38 -12.06 15.02
N GLY A 138 -18.55 -12.52 13.78
CA GLY A 138 -19.85 -12.67 13.16
C GLY A 138 -20.66 -11.39 13.09
N SER A 139 -19.98 -10.25 12.99
CA SER A 139 -20.66 -8.95 13.01
C SER A 139 -20.08 -7.97 12.03
N CYS A 140 -20.94 -7.15 11.38
CA CYS A 140 -20.46 -6.14 10.39
C CYS A 140 -20.06 -4.86 11.10
N ALA A 141 -20.25 -4.82 12.42
CA ALA A 141 -20.02 -3.63 13.17
C ALA A 141 -18.49 -3.39 13.38
N PHE A 142 -17.67 -3.62 12.36
CA PHE A 142 -16.20 -3.41 12.51
C PHE A 142 -15.77 -1.99 12.89
N ASP A 143 -16.69 -1.05 12.82
CA ASP A 143 -16.38 0.31 13.17
C ASP A 143 -16.46 0.59 14.64
N GLU A 144 -16.87 -0.41 15.39
CA GLU A 144 -16.94 -0.37 16.84
C GLU A 144 -16.12 -1.45 17.53
N PHE A 145 -15.31 -2.17 16.78
CA PHE A 145 -14.42 -3.18 17.31
C PHE A 145 -13.24 -2.60 18.09
N PHE A 146 -12.48 -1.70 17.49
CA PHE A 146 -11.35 -1.07 18.19
C PHE A 146 -11.91 0.15 18.91
N SER A 147 -11.36 0.49 20.05
CA SER A 147 -11.85 1.68 20.79
C SER A 147 -11.62 2.97 19.98
N GLN A 148 -10.40 3.09 19.43
CA GLN A 148 -10.08 4.22 18.59
C GLN A 148 -9.14 3.69 17.50
N SER A 149 -9.13 4.37 16.36
CA SER A 149 -8.14 3.98 15.33
C SER A 149 -7.60 5.21 14.52
N CYS A 150 -6.59 4.96 13.73
CA CYS A 150 -6.29 5.81 12.53
C CYS A 150 -6.46 4.93 11.36
N ALA A 151 -7.54 5.23 10.61
CA ALA A 151 -7.86 4.42 9.38
C ALA A 151 -8.11 5.56 8.31
N PRO A 152 -7.06 6.05 7.69
CA PRO A 152 -7.25 7.16 6.71
C PRO A 152 -8.34 6.81 5.70
N GLY A 153 -9.17 7.80 5.41
CA GLY A 153 -10.27 7.59 4.51
C GLY A 153 -11.63 7.40 5.17
N ALA A 154 -11.64 7.10 6.49
CA ALA A 154 -12.89 6.93 7.20
C ALA A 154 -13.47 8.33 7.59
N ASP A 155 -14.63 8.32 8.23
CA ASP A 155 -15.21 9.69 8.58
C ASP A 155 -14.31 10.36 9.62
N PRO A 156 -13.87 11.61 9.42
CA PRO A 156 -12.90 12.19 10.34
C PRO A 156 -13.47 12.45 11.74
N LYS A 157 -14.81 12.45 11.91
CA LYS A 157 -15.31 12.63 13.27
C LYS A 157 -15.48 11.37 14.02
N SER A 158 -15.25 10.24 13.34
CA SER A 158 -15.56 8.91 13.90
C SER A 158 -14.36 8.37 14.64
N ARG A 159 -14.66 7.30 15.43
CA ARG A 159 -13.58 6.66 16.22
C ARG A 159 -12.51 6.02 15.33
N LEU A 160 -12.92 5.73 14.08
CA LEU A 160 -11.93 5.14 13.13
C LEU A 160 -10.83 6.16 12.69
N CYS A 161 -11.07 7.49 12.89
CA CYS A 161 -10.05 8.59 12.67
C CYS A 161 -9.53 9.30 13.88
N ALA A 162 -9.89 8.71 15.07
CA ALA A 162 -9.56 9.52 16.27
C ALA A 162 -8.11 9.60 16.52
N LEU A 163 -7.33 8.61 16.06
CA LEU A 163 -5.86 8.61 16.32
C LEU A 163 -5.07 9.30 15.22
N CYS A 164 -5.78 9.67 14.10
CA CYS A 164 -5.02 10.27 13.03
C CYS A 164 -4.56 11.71 13.37
N ALA A 165 -3.50 12.11 12.79
CA ALA A 165 -2.84 13.39 13.27
C ALA A 165 -2.82 14.47 12.19
N GLY A 166 -3.27 14.20 10.95
CA GLY A 166 -3.06 15.19 9.89
C GLY A 166 -1.62 15.63 9.64
N ASP A 167 -1.53 16.87 9.03
CA ASP A 167 -0.29 17.40 8.57
C ASP A 167 0.39 18.25 9.66
N ASP A 168 1.50 18.91 9.29
CA ASP A 168 2.25 19.70 10.35
C ASP A 168 1.35 20.64 11.07
N GLN A 169 0.45 21.25 10.32
CA GLN A 169 -0.47 22.21 10.92
C GLN A 169 -1.65 21.56 11.55
N GLY A 170 -1.72 20.23 11.58
CA GLY A 170 -2.92 19.55 12.06
C GLY A 170 -4.15 19.65 11.15
N LEU A 171 -3.98 20.02 9.87
CA LEU A 171 -5.10 19.98 8.92
C LEU A 171 -5.09 18.61 8.24
N ASP A 172 -6.13 18.31 7.50
CA ASP A 172 -6.21 17.11 6.69
C ASP A 172 -6.17 15.81 7.54
N LYS A 173 -6.66 15.89 8.76
CA LYS A 173 -6.68 14.70 9.62
C LYS A 173 -7.44 13.61 8.93
N CYS A 174 -6.84 12.44 8.88
CA CYS A 174 -7.48 11.28 8.30
C CYS A 174 -7.58 11.26 6.77
N VAL A 175 -7.03 12.22 6.08
CA VAL A 175 -7.14 12.13 4.62
C VAL A 175 -6.25 10.94 4.21
N PRO A 176 -6.69 10.20 3.16
CA PRO A 176 -5.91 9.06 2.74
C PRO A 176 -4.89 9.49 1.70
N ASN A 177 -3.92 10.27 2.13
CA ASN A 177 -2.73 10.56 1.36
C ASN A 177 -1.60 10.90 2.31
N SER A 178 -0.40 10.99 1.76
CA SER A 178 0.92 11.08 2.55
C SER A 178 0.93 12.32 3.44
N LYS A 179 0.00 13.27 3.26
CA LYS A 179 -0.04 14.48 4.22
C LYS A 179 -0.46 14.02 5.56
N GLU A 180 -1.26 12.96 5.67
CA GLU A 180 -1.75 12.45 7.04
C GLU A 180 -0.44 11.75 7.61
N LYS A 181 -0.04 12.18 8.81
CA LYS A 181 1.17 11.67 9.44
C LYS A 181 1.21 10.15 9.58
N TYR A 182 0.03 9.54 9.77
CA TYR A 182 -0.08 8.05 10.01
C TYR A 182 -0.64 7.36 8.77
N TYR A 183 -0.52 7.99 7.59
CA TYR A 183 -0.98 7.25 6.37
C TYR A 183 0.05 6.21 5.90
N GLY A 184 -0.58 5.13 5.34
CA GLY A 184 0.23 4.19 4.53
C GLY A 184 1.02 3.24 5.41
N TYR A 185 1.85 2.41 4.75
CA TYR A 185 2.63 1.51 5.57
C TYR A 185 3.53 2.21 6.60
N THR A 186 4.27 3.23 6.17
CA THR A 186 5.21 3.78 7.13
C THR A 186 4.43 4.62 8.19
N GLY A 187 3.28 5.25 7.81
CA GLY A 187 2.49 6.08 8.76
C GLY A 187 1.85 5.15 9.82
N ALA A 188 1.31 3.98 9.40
CA ALA A 188 0.72 3.11 10.34
C ALA A 188 1.75 2.44 11.24
N PHE A 189 2.92 2.15 10.72
CA PHE A 189 4.00 1.62 11.59
C PHE A 189 4.46 2.75 12.57
N ARG A 190 4.52 3.99 12.14
CA ARG A 190 4.83 5.08 13.03
C ARG A 190 3.78 5.24 14.12
N CYS A 191 2.53 5.02 13.80
CA CYS A 191 1.46 5.11 14.76
C CYS A 191 1.66 4.12 15.89
N LEU A 192 2.09 2.92 15.54
CA LEU A 192 2.46 1.93 16.58
C LEU A 192 3.80 2.32 17.21
N ALA A 193 4.76 2.79 16.50
CA ALA A 193 6.15 3.03 17.09
C ALA A 193 5.97 4.10 18.20
N GLU A 194 5.16 5.08 17.94
CA GLU A 194 4.91 6.24 18.87
C GLU A 194 3.95 5.87 19.98
N ASP A 195 3.41 4.65 20.01
CA ASP A 195 2.37 4.15 20.99
C ASP A 195 1.11 4.95 20.96
N VAL A 196 0.78 5.47 19.76
CA VAL A 196 -0.56 6.07 19.57
C VAL A 196 -1.54 4.92 19.43
N GLY A 197 -1.13 3.84 18.73
CA GLY A 197 -1.99 2.66 18.64
C GLY A 197 -1.32 1.44 19.38
N ASP A 198 -2.15 0.39 19.69
CA ASP A 198 -1.60 -0.85 20.23
C ASP A 198 -1.18 -1.80 19.12
N VAL A 199 -1.79 -1.68 17.92
CA VAL A 199 -1.48 -2.64 16.89
C VAL A 199 -1.45 -1.92 15.54
N ALA A 200 -0.53 -2.38 14.63
CA ALA A 200 -0.50 -1.79 13.27
C ALA A 200 -0.68 -2.95 12.30
N PHE A 201 -1.50 -2.63 11.28
CA PHE A 201 -1.76 -3.58 10.18
C PHE A 201 -0.95 -3.06 9.03
N VAL A 202 0.14 -3.73 8.78
CA VAL A 202 1.07 -3.40 7.71
C VAL A 202 1.58 -4.66 7.04
N LYS A 203 2.73 -4.56 6.37
CA LYS A 203 3.36 -5.77 5.85
C LYS A 203 4.69 -6.07 6.46
N ASN A 204 5.18 -7.30 6.26
CA ASN A 204 6.48 -7.64 6.83
C ASN A 204 7.57 -6.67 6.51
N ASP A 205 7.69 -6.21 5.28
CA ASP A 205 8.81 -5.43 4.92
C ASP A 205 8.82 -4.12 5.70
N THR A 206 7.62 -3.59 5.97
CA THR A 206 7.56 -2.30 6.72
C THR A 206 8.35 -2.36 8.02
N VAL A 207 8.21 -3.48 8.75
CA VAL A 207 8.85 -3.55 10.06
C VAL A 207 10.39 -3.48 9.86
N TRP A 208 10.85 -4.28 8.93
CA TRP A 208 12.32 -4.37 8.72
C TRP A 208 12.92 -3.14 8.20
N GLU A 209 12.22 -2.42 7.32
CA GLU A 209 12.71 -1.23 6.67
C GLU A 209 12.76 0.01 7.54
N ASN A 210 12.08 -0.07 8.71
CA ASN A 210 11.99 1.08 9.59
C ASN A 210 12.60 0.81 10.95
N THR A 211 13.45 -0.20 10.99
CA THR A 211 14.07 -0.54 12.31
C THR A 211 15.54 -0.77 12.11
N ASN A 212 16.29 -0.66 13.21
CA ASN A 212 17.73 -1.19 13.21
C ASN A 212 18.59 -0.39 12.27
N GLY A 213 18.27 0.88 12.18
CA GLY A 213 19.01 1.83 11.37
C GLY A 213 18.67 1.83 9.89
N GLU A 214 17.68 1.01 9.50
CA GLU A 214 17.30 0.93 8.03
C GLU A 214 16.65 2.21 7.61
N SER A 215 16.06 2.90 8.59
CA SER A 215 15.55 4.25 8.33
C SER A 215 16.28 5.22 9.25
N THR A 216 16.68 6.38 8.71
CA THR A 216 17.38 7.42 9.45
C THR A 216 16.40 8.50 9.88
N ALA A 217 15.12 8.35 9.46
CA ALA A 217 14.10 9.27 10.00
C ALA A 217 13.98 9.36 11.53
N ASP A 218 13.65 10.56 12.04
CA ASP A 218 13.69 10.79 13.51
C ASP A 218 12.85 9.85 14.38
N TRP A 219 11.63 9.51 13.88
CA TRP A 219 10.77 8.67 14.64
C TRP A 219 11.22 7.23 14.52
N ALA A 220 12.02 6.92 13.47
CA ALA A 220 12.34 5.49 13.21
C ALA A 220 13.79 5.12 13.65
N LYS A 221 14.60 6.16 13.69
CA LYS A 221 16.07 5.93 13.73
C LYS A 221 16.50 5.11 14.93
N ASN A 222 15.82 5.26 16.05
CA ASN A 222 16.03 4.41 17.25
C ASN A 222 15.25 3.12 17.48
N LEU A 223 14.40 2.73 16.54
CA LEU A 223 13.61 1.57 16.77
C LEU A 223 14.38 0.28 16.56
N LYS A 224 14.15 -0.67 17.43
CA LYS A 224 14.79 -2.00 17.39
C LYS A 224 13.74 -3.06 17.15
N ARG A 225 13.99 -3.93 16.15
CA ARG A 225 13.12 -5.06 15.84
C ARG A 225 12.70 -5.86 16.99
N GLU A 226 13.63 -6.01 17.97
CA GLU A 226 13.36 -6.88 19.05
C GLU A 226 12.33 -6.33 19.99
N ASP A 227 12.02 -5.06 19.79
CA ASP A 227 10.96 -4.45 20.57
C ASP A 227 9.57 -4.64 19.94
N PHE A 228 9.47 -5.43 18.83
CA PHE A 228 8.15 -5.64 18.21
C PHE A 228 7.87 -7.10 18.16
N ARG A 229 6.59 -7.45 18.09
CA ARG A 229 6.11 -8.82 17.92
C ARG A 229 5.04 -8.83 16.84
N LEU A 230 4.93 -9.94 16.16
CA LEU A 230 3.80 -10.17 15.26
C LEU A 230 2.75 -10.94 15.95
N LEU A 231 1.50 -10.73 15.59
CA LEU A 231 0.39 -11.46 16.13
C LEU A 231 0.01 -12.52 15.17
N CYS A 232 0.04 -13.81 15.58
CA CYS A 232 -0.40 -14.92 14.73
C CYS A 232 -1.87 -15.25 14.92
N LEU A 233 -2.44 -15.79 13.85
CA LEU A 233 -3.89 -16.10 13.97
C LEU A 233 -4.27 -17.19 15.03
N ASP A 234 -3.31 -18.01 15.39
CA ASP A 234 -3.64 -19.01 16.45
C ASP A 234 -3.45 -18.46 17.82
N GLY A 235 -3.33 -17.13 17.92
CA GLY A 235 -3.25 -16.48 19.23
C GLY A 235 -1.88 -16.40 19.87
N THR A 236 -0.80 -16.84 19.22
CA THR A 236 0.57 -16.72 19.65
C THR A 236 1.21 -15.37 19.21
N ARG A 237 2.38 -15.05 19.71
CA ARG A 237 3.10 -13.84 19.40
C ARG A 237 4.49 -14.35 18.99
N LYS A 238 5.00 -13.88 17.84
CA LYS A 238 6.30 -14.19 17.44
C LYS A 238 7.24 -13.05 17.17
N PRO A 239 8.57 -13.24 17.18
CA PRO A 239 9.50 -12.22 16.69
C PRO A 239 9.23 -11.92 15.20
N VAL A 240 9.65 -10.73 14.85
CA VAL A 240 9.37 -10.27 13.50
C VAL A 240 10.23 -10.99 12.44
N THR A 241 11.17 -11.86 12.82
CA THR A 241 11.89 -12.77 11.89
C THR A 241 10.98 -13.90 11.44
N GLU A 242 9.82 -14.08 12.07
CA GLU A 242 9.00 -15.28 11.82
C GLU A 242 7.76 -15.01 10.95
N ALA A 243 7.84 -13.97 10.11
CA ALA A 243 6.58 -13.58 9.36
C ALA A 243 6.05 -14.71 8.43
N GLN A 244 6.95 -15.64 8.02
CA GLN A 244 6.57 -16.67 7.03
C GLN A 244 5.64 -17.64 7.72
N SER A 245 5.71 -17.67 9.05
CA SER A 245 4.82 -18.47 9.81
C SER A 245 3.85 -17.80 10.77
N CYS A 246 3.70 -16.46 10.63
CA CYS A 246 2.86 -15.66 11.58
C CYS A 246 2.41 -14.42 10.75
N HIS A 247 1.63 -14.68 9.72
CA HIS A 247 1.05 -13.56 8.89
C HIS A 247 -0.44 -13.80 8.86
N LEU A 248 -1.18 -12.74 8.41
CA LEU A 248 -2.57 -12.77 8.24
C LEU A 248 -3.01 -13.27 6.85
N ALA A 249 -2.16 -12.98 5.87
CA ALA A 249 -2.41 -13.32 4.44
C ALA A 249 -1.26 -13.05 3.62
N VAL A 250 -1.24 -13.62 2.40
CA VAL A 250 -0.27 -13.18 1.42
C VAL A 250 -1.05 -12.25 0.44
N ALA A 251 -0.59 -11.02 0.26
CA ALA A 251 -1.26 -9.96 -0.60
C ALA A 251 -0.63 -9.96 -1.98
N PRO A 252 -1.49 -9.67 -3.03
CA PRO A 252 -0.95 -9.49 -4.37
C PRO A 252 -0.15 -8.17 -4.45
N ASN A 253 0.97 -8.12 -5.12
CA ASN A 253 1.81 -6.91 -5.15
C ASN A 253 1.07 -5.74 -5.74
N HIS A 254 1.42 -4.57 -5.25
CA HIS A 254 0.88 -3.37 -5.88
C HIS A 254 1.17 -3.40 -7.35
N ALA A 255 0.29 -2.77 -8.16
CA ALA A 255 0.49 -2.84 -9.60
C ALA A 255 -0.09 -1.54 -10.25
N VAL A 256 0.42 -1.28 -11.46
CA VAL A 256 -0.02 -0.15 -12.28
C VAL A 256 -1.32 -0.55 -13.02
N VAL A 257 -2.28 0.33 -12.97
CA VAL A 257 -3.48 0.14 -13.73
C VAL A 257 -3.74 1.26 -14.70
N SER A 258 -4.47 0.92 -15.76
CA SER A 258 -4.87 1.87 -16.77
C SER A 258 -6.17 1.47 -17.46
N ARG A 259 -6.72 2.30 -18.28
CA ARG A 259 -7.76 1.82 -19.18
C ARG A 259 -7.19 0.83 -20.13
N SER A 260 -8.02 -0.13 -20.59
CA SER A 260 -7.57 -1.12 -21.57
C SER A 260 -6.97 -0.50 -22.75
N ASP A 261 -7.63 0.52 -23.24
CA ASP A 261 -7.15 1.08 -24.45
C ASP A 261 -5.86 1.84 -24.36
N ARG A 262 -5.36 2.13 -23.15
CA ARG A 262 -4.08 2.72 -23.07
C ARG A 262 -3.04 1.81 -22.41
N ALA A 263 -3.46 0.57 -22.06
CA ALA A 263 -2.52 -0.35 -21.37
C ALA A 263 -1.23 -0.66 -22.09
N ALA A 264 -1.35 -0.97 -23.41
CA ALA A 264 -0.11 -1.23 -24.09
C ALA A 264 0.89 -0.09 -24.22
N HIS A 265 0.35 1.13 -24.40
CA HIS A 265 1.20 2.29 -24.43
C HIS A 265 1.79 2.58 -23.06
N VAL A 266 0.93 2.49 -22.05
CA VAL A 266 1.47 2.71 -20.66
C VAL A 266 2.58 1.73 -20.35
N GLU A 267 2.39 0.47 -20.73
CA GLU A 267 3.37 -0.55 -20.45
C GLU A 267 4.72 -0.20 -21.17
N GLN A 268 4.64 0.15 -22.48
CA GLN A 268 5.89 0.45 -23.21
C GLN A 268 6.63 1.63 -22.61
N VAL A 269 5.92 2.72 -22.27
CA VAL A 269 6.54 3.90 -21.74
C VAL A 269 7.20 3.53 -20.40
N LEU A 270 6.48 2.77 -19.56
CA LEU A 270 7.05 2.43 -18.21
C LEU A 270 8.29 1.58 -18.27
N LEU A 271 8.31 0.60 -19.19
CA LEU A 271 9.53 -0.22 -19.34
C LEU A 271 10.71 0.64 -19.74
N HIS A 272 10.50 1.62 -20.60
CA HIS A 272 11.58 2.59 -20.96
C HIS A 272 11.91 3.53 -19.84
N GLN A 273 10.89 4.04 -19.10
CA GLN A 273 11.21 4.91 -17.95
C GLN A 273 12.05 4.22 -16.83
N GLN A 274 11.82 2.93 -16.56
CA GLN A 274 12.54 2.26 -15.49
C GLN A 274 13.95 1.92 -16.01
N ALA A 275 14.05 1.70 -17.33
CA ALA A 275 15.42 1.58 -17.84
C ALA A 275 16.31 2.82 -17.56
N LEU A 276 15.73 4.02 -17.59
CA LEU A 276 16.39 5.26 -17.23
C LEU A 276 16.46 5.49 -15.74
N PHE A 277 15.32 5.25 -15.04
CA PHE A 277 15.24 5.79 -13.63
C PHE A 277 15.06 4.74 -12.52
N GLY A 278 14.98 3.50 -12.91
CA GLY A 278 14.81 2.43 -11.98
C GLY A 278 16.11 2.05 -11.32
N LYS A 279 16.09 0.88 -10.71
CA LYS A 279 17.22 0.39 -9.98
C LYS A 279 18.29 0.00 -10.99
N ASN A 280 19.49 0.51 -10.78
CA ASN A 280 20.56 0.50 -11.80
C ASN A 280 20.19 1.16 -13.12
N GLY A 281 19.19 2.02 -13.15
CA GLY A 281 18.87 2.76 -14.32
C GLY A 281 19.96 3.69 -14.78
N LYS A 282 19.93 3.97 -16.05
CA LYS A 282 20.97 4.79 -16.65
C LYS A 282 21.15 6.14 -15.98
N ASN A 283 20.09 6.71 -15.41
CA ASN A 283 20.12 8.02 -14.83
C ASN A 283 19.80 8.05 -13.31
N CYS A 284 19.90 6.90 -12.70
CA CYS A 284 19.65 6.76 -11.26
C CYS A 284 20.94 6.18 -10.70
N PRO A 285 21.52 6.83 -9.67
CA PRO A 285 21.09 7.96 -8.80
C PRO A 285 21.43 9.36 -9.24
N ASP A 286 22.19 9.50 -10.35
CA ASP A 286 22.70 10.81 -10.75
C ASP A 286 21.62 11.86 -10.95
N LYS A 287 20.56 11.50 -11.70
CA LYS A 287 19.53 12.46 -12.11
C LYS A 287 18.24 12.24 -11.31
N PHE A 288 17.70 11.02 -11.35
CA PHE A 288 16.36 10.79 -10.71
C PHE A 288 16.16 9.29 -10.46
N CYS A 289 15.58 8.90 -9.29
CA CYS A 289 15.36 7.46 -9.03
C CYS A 289 13.81 7.35 -8.80
N LEU A 290 13.18 6.61 -9.70
CA LEU A 290 11.71 6.47 -9.78
C LEU A 290 11.26 5.74 -8.51
N PHE A 291 12.11 4.86 -7.92
CA PHE A 291 11.66 3.96 -6.78
C PHE A 291 12.34 4.36 -5.51
N LYS A 292 12.76 5.62 -5.42
CA LYS A 292 13.12 6.24 -4.13
C LYS A 292 12.26 7.46 -3.76
N SER A 293 12.06 7.64 -2.43
CA SER A 293 11.33 8.79 -1.94
C SER A 293 11.61 8.96 -0.41
N GLU A 294 12.85 8.79 -0.03
CA GLU A 294 13.16 8.87 1.46
C GLU A 294 12.17 8.10 2.41
N THR A 295 11.83 6.87 1.99
CA THR A 295 11.07 5.86 2.80
C THR A 295 9.54 6.14 2.76
N LYS A 296 9.16 7.12 1.97
CA LYS A 296 7.86 7.60 2.06
C LYS A 296 6.96 6.89 1.00
N ASN A 297 7.57 6.00 0.18
CA ASN A 297 6.71 5.16 -0.74
C ASN A 297 5.81 6.02 -1.59
N LEU A 298 6.43 7.03 -2.22
CA LEU A 298 5.63 7.93 -3.06
C LEU A 298 5.70 7.41 -4.55
N LEU A 299 4.48 7.22 -5.08
CA LEU A 299 4.17 6.71 -6.45
C LEU A 299 4.38 5.21 -6.52
N PHE A 300 5.51 4.74 -5.99
CA PHE A 300 5.83 3.30 -5.92
C PHE A 300 6.46 3.06 -4.53
N ASN A 301 6.39 1.81 -4.10
CA ASN A 301 7.09 1.45 -2.84
C ASN A 301 8.60 1.62 -3.05
N ASP A 302 9.25 2.13 -2.00
CA ASP A 302 10.70 2.32 -2.14
C ASP A 302 11.46 1.00 -2.23
N ASN A 303 10.89 -0.11 -1.84
CA ASN A 303 11.57 -1.40 -2.02
C ASN A 303 11.38 -2.04 -3.40
N THR A 304 10.75 -1.30 -4.35
CA THR A 304 10.59 -1.85 -5.68
C THR A 304 11.93 -1.97 -6.43
N GLU A 305 12.21 -3.17 -6.98
CA GLU A 305 13.46 -3.38 -7.80
C GLU A 305 13.13 -3.08 -9.26
N CYS A 306 11.90 -3.42 -9.66
CA CYS A 306 11.42 -3.09 -11.01
C CYS A 306 9.89 -3.27 -11.10
N LEU A 307 9.32 -2.79 -12.19
CA LEU A 307 7.95 -3.16 -12.51
C LEU A 307 8.07 -4.35 -13.45
N ALA A 308 7.28 -5.36 -13.22
CA ALA A 308 7.50 -6.62 -14.00
C ALA A 308 6.30 -6.94 -14.83
N LYS A 309 6.54 -7.58 -15.98
CA LYS A 309 5.49 -8.02 -16.84
C LYS A 309 4.62 -9.02 -16.21
N LEU A 310 3.33 -9.04 -16.55
CA LEU A 310 2.41 -9.89 -15.95
C LEU A 310 2.31 -11.21 -16.83
N GLY A 311 2.11 -12.36 -16.21
CA GLY A 311 1.82 -13.63 -16.97
C GLY A 311 0.35 -13.76 -17.33
N GLY A 312 0.03 -14.18 -18.58
CA GLY A 312 -1.39 -14.58 -18.88
C GLY A 312 -2.39 -13.40 -19.10
N ARG A 313 -1.81 -12.19 -19.42
CA ARG A 313 -2.64 -10.99 -19.69
C ARG A 313 -3.85 -11.04 -18.71
N PRO A 314 -3.59 -10.94 -17.39
CA PRO A 314 -4.67 -11.26 -16.48
C PRO A 314 -5.67 -10.13 -16.31
N THR A 315 -6.88 -10.53 -16.06
CA THR A 315 -7.93 -9.60 -15.65
C THR A 315 -7.65 -9.14 -14.20
N TYR A 316 -8.40 -8.16 -13.72
CA TYR A 316 -8.05 -7.77 -12.38
C TYR A 316 -8.40 -8.89 -11.39
N GLU A 317 -9.37 -9.71 -11.69
CA GLU A 317 -9.72 -10.81 -10.80
C GLU A 317 -8.67 -11.85 -10.82
N GLU A 318 -8.11 -12.10 -11.98
CA GLU A 318 -7.07 -13.07 -12.03
C GLU A 318 -5.78 -12.59 -11.31
N TYR A 319 -5.50 -11.29 -11.38
CA TYR A 319 -4.27 -10.72 -10.80
C TYR A 319 -4.46 -10.77 -9.24
N LEU A 320 -5.67 -10.37 -8.76
CA LEU A 320 -5.90 -10.33 -7.29
C LEU A 320 -5.99 -11.78 -6.72
N GLY A 321 -6.52 -12.71 -7.57
CA GLY A 321 -6.81 -14.08 -7.16
C GLY A 321 -8.21 -14.21 -6.60
N THR A 322 -8.92 -15.30 -6.97
CA THR A 322 -10.30 -15.48 -6.55
C THR A 322 -10.56 -15.44 -5.05
N GLU A 323 -9.70 -16.01 -4.28
CA GLU A 323 -9.79 -16.01 -2.82
C GLU A 323 -9.89 -14.57 -2.29
N TYR A 324 -8.97 -13.75 -2.73
CA TYR A 324 -8.95 -12.36 -2.18
C TYR A 324 -10.12 -11.63 -2.68
N VAL A 325 -10.53 -11.76 -3.97
CA VAL A 325 -11.63 -11.01 -4.50
C VAL A 325 -12.93 -11.34 -3.74
N THR A 326 -13.04 -12.61 -3.46
CA THR A 326 -14.25 -13.11 -2.71
C THR A 326 -14.18 -12.55 -1.26
N ALA A 327 -12.96 -12.49 -0.68
CA ALA A 327 -12.83 -11.89 0.73
C ALA A 327 -13.27 -10.38 0.72
N ILE A 328 -12.89 -9.61 -0.31
CA ILE A 328 -13.27 -8.25 -0.36
C ILE A 328 -14.76 -8.06 -0.56
N ALA A 329 -15.29 -8.78 -1.53
CA ALA A 329 -16.72 -8.75 -1.76
C ALA A 329 -17.55 -9.07 -0.47
N ASN A 330 -17.13 -10.07 0.30
CA ASN A 330 -17.77 -10.42 1.59
C ASN A 330 -17.70 -9.20 2.54
N LEU A 331 -16.52 -8.60 2.63
CA LEU A 331 -16.34 -7.53 3.57
C LEU A 331 -17.21 -6.34 3.14
N LYS A 332 -17.28 -6.04 1.85
CA LYS A 332 -17.97 -4.82 1.38
C LYS A 332 -19.52 -5.05 1.54
N LYS A 333 -19.97 -6.30 1.70
CA LYS A 333 -21.38 -6.57 2.13
C LYS A 333 -21.76 -5.85 3.41
N CYS A 334 -20.78 -5.55 4.25
CA CYS A 334 -21.03 -4.79 5.46
C CYS A 334 -21.39 -3.33 5.38
N SER A 335 -21.02 -2.64 4.31
CA SER A 335 -21.19 -1.20 4.34
C SER A 335 -21.53 -0.67 2.96
N LEU B 1 -20.80 -6.59 -4.94
CA LEU B 1 -20.56 -7.77 -5.76
C LEU B 1 -20.54 -7.42 -7.25
N GLU B 2 -21.22 -6.33 -7.63
CA GLU B 2 -21.48 -6.03 -9.06
C GLU B 2 -20.77 -4.82 -9.75
N ALA B 3 -21.26 -3.59 -9.51
CA ALA B 3 -21.02 -2.44 -10.41
C ALA B 3 -19.85 -1.53 -9.99
N CYS B 4 -19.45 -0.62 -10.88
CA CYS B 4 -18.47 0.38 -10.48
C CYS B 4 -19.04 1.28 -9.33
N ALA B 5 -18.20 1.61 -8.34
CA ALA B 5 -18.55 2.53 -7.23
C ALA B 5 -18.85 3.96 -7.68
N PHE B 6 -18.42 4.32 -8.89
CA PHE B 6 -18.58 5.70 -9.39
C PHE B 6 -19.59 5.75 -10.55
#